data_4LBA
#
_entry.id   4LBA
#
_cell.length_a   126.923
_cell.length_b   126.923
_cell.length_c   39.352
_cell.angle_alpha   90.000
_cell.angle_beta   90.000
_cell.angle_gamma   120.000
#
_symmetry.space_group_name_H-M   'P 64'
#
loop_
_entity.id
_entity.type
_entity.pdbx_description
1 polymer 'conjugative transposon lipoprotein'
2 non-polymer 'PENTAETHYLENE GLYCOL'
3 non-polymer 1,2-ETHANEDIOL
4 water water
#
_entity_poly.entity_id   1
_entity_poly.type   'polypeptide(L)'
_entity_poly.pdbx_seq_one_letter_code
;GCDDD(MSE)DIQQSYPFTVEV(MSE)PVPNKVVKGQTVEIRCELKKEGDFSGTLYTIRYFQFEGEGSLK(MSE)DNGIT
FLPNDRYLLENEKFRLYYTAAGDEAHNFIVVVEDNFSNSYELEFDFNNRNVKDDDLTIVPIGNFSPLLK
;
_entity_poly.pdbx_strand_id   A,B
#
# COMPACT_ATOMS: atom_id res chain seq x y z
N SER A 11 -1.62 0.95 -20.03
CA SER A 11 -1.97 1.15 -21.49
C SER A 11 -1.27 2.37 -22.17
N TYR A 12 -1.56 3.58 -21.70
CA TYR A 12 -0.76 4.78 -22.03
C TYR A 12 -0.39 5.46 -20.74
N PRO A 13 0.72 6.21 -20.73
CA PRO A 13 1.65 6.40 -21.81
C PRO A 13 2.79 5.36 -21.77
N PHE A 14 2.77 4.40 -20.85
CA PHE A 14 3.76 3.28 -20.87
C PHE A 14 3.20 1.98 -20.36
N THR A 15 3.85 0.88 -20.74
CA THR A 15 3.54 -0.43 -20.25
C THR A 15 4.87 -1.08 -19.84
N VAL A 16 4.78 -2.21 -19.19
CA VAL A 16 5.97 -2.96 -18.83
C VAL A 16 5.75 -4.41 -19.34
N GLU A 17 6.63 -4.86 -20.21
CA GLU A 17 6.55 -6.21 -20.73
C GLU A 17 7.35 -7.11 -19.84
N VAL A 18 6.86 -8.32 -19.63
CA VAL A 18 7.56 -9.27 -18.75
C VAL A 18 7.65 -10.60 -19.48
N PRO A 20 8.38 -14.80 -19.69
CA PRO A 20 7.81 -15.88 -18.89
C PRO A 20 8.50 -16.10 -17.53
N VAL A 21 7.69 -16.48 -16.55
CA VAL A 21 8.15 -16.85 -15.23
C VAL A 21 7.58 -18.22 -14.88
N PRO A 22 8.21 -18.93 -13.94
CA PRO A 22 7.68 -20.22 -13.50
C PRO A 22 6.29 -20.07 -12.89
N ASN A 23 5.58 -21.19 -12.81
CA ASN A 23 4.28 -21.18 -12.12
C ASN A 23 4.41 -21.70 -10.68
N LYS A 24 5.62 -22.13 -10.32
CA LYS A 24 5.91 -22.66 -8.97
C LYS A 24 7.31 -22.30 -8.52
N VAL A 25 7.50 -22.30 -7.22
CA VAL A 25 8.80 -22.02 -6.62
CA VAL A 25 8.78 -21.98 -6.61
C VAL A 25 8.91 -22.86 -5.37
N VAL A 26 10.12 -23.17 -4.95
CA VAL A 26 10.33 -23.82 -3.69
C VAL A 26 11.13 -22.89 -2.78
N LYS A 27 11.12 -23.21 -1.49
CA LYS A 27 11.85 -22.44 -0.52
C LYS A 27 13.31 -22.34 -0.94
N GLY A 28 13.82 -21.11 -0.93
CA GLY A 28 15.20 -20.83 -1.27
C GLY A 28 15.48 -20.65 -2.76
N GLN A 29 14.52 -20.96 -3.62
CA GLN A 29 14.65 -20.72 -5.04
C GLN A 29 14.53 -19.26 -5.38
N THR A 30 15.35 -18.80 -6.32
CA THR A 30 15.29 -17.43 -6.81
C THR A 30 14.77 -17.47 -8.23
N VAL A 31 13.73 -16.69 -8.50
CA VAL A 31 13.11 -16.55 -9.81
C VAL A 31 13.61 -15.26 -10.45
N GLU A 32 14.09 -15.36 -11.70
CA GLU A 32 14.54 -14.18 -12.43
C GLU A 32 13.38 -13.65 -13.28
N ILE A 33 13.02 -12.39 -13.10
CA ILE A 33 11.91 -11.80 -13.79
C ILE A 33 12.47 -10.74 -14.72
N ARG A 34 12.31 -10.91 -16.04
CA ARG A 34 12.88 -10.00 -17.01
C ARG A 34 11.82 -9.06 -17.55
N CYS A 35 12.08 -7.77 -17.37
CA CYS A 35 11.11 -6.72 -17.64
C CYS A 35 11.68 -5.71 -18.63
N GLU A 36 10.77 -5.07 -19.38
CA GLU A 36 11.12 -3.98 -20.25
C GLU A 36 10.03 -2.93 -20.26
N LEU A 37 10.42 -1.69 -19.95
CA LEU A 37 9.53 -0.54 -20.04
CA LEU A 37 9.52 -0.54 -20.07
C LEU A 37 9.32 -0.19 -21.52
N LYS A 38 8.06 -0.07 -21.95
CA LYS A 38 7.70 0.28 -23.31
C LYS A 38 6.92 1.61 -23.27
N LYS A 39 7.45 2.62 -23.93
CA LYS A 39 6.76 3.92 -23.99
C LYS A 39 5.87 3.93 -25.23
N GLU A 40 4.57 4.14 -24.99
CA GLU A 40 3.50 3.88 -25.95
C GLU A 40 3.06 5.06 -26.80
N GLY A 41 3.55 6.26 -26.49
CA GLY A 41 3.12 7.46 -27.20
C GLY A 41 4.27 8.40 -27.45
N ASP A 42 3.93 9.57 -27.99
CA ASP A 42 4.88 10.65 -28.25
C ASP A 42 5.36 11.38 -26.99
N PHE A 43 4.53 11.37 -25.93
CA PHE A 43 4.74 12.29 -24.80
C PHE A 43 4.88 11.57 -23.45
N SER A 44 5.15 12.37 -22.41
CA SER A 44 5.30 11.91 -21.01
C SER A 44 6.45 10.91 -20.76
N GLY A 45 6.94 10.89 -19.53
CA GLY A 45 7.84 9.83 -19.04
C GLY A 45 9.35 10.02 -19.08
N THR A 46 9.88 10.94 -18.27
CA THR A 46 11.34 11.05 -18.11
C THR A 46 11.87 10.18 -16.95
N LEU A 47 11.21 10.22 -15.79
CA LEU A 47 11.71 9.56 -14.60
C LEU A 47 10.74 8.47 -14.15
N TYR A 48 11.26 7.30 -13.82
CA TYR A 48 10.43 6.19 -13.39
C TYR A 48 10.93 5.62 -12.09
N THR A 49 9.98 5.15 -11.29
CA THR A 49 10.27 4.42 -10.06
C THR A 49 9.60 3.05 -10.09
N ILE A 50 10.06 2.20 -9.21
CA ILE A 50 9.51 0.88 -9.01
C ILE A 50 9.34 0.56 -7.51
N ARG A 51 8.28 -0.18 -7.21
CA ARG A 51 7.97 -0.61 -5.89
C ARG A 51 7.26 -1.94 -5.97
N TYR A 52 7.12 -2.59 -4.82
CA TYR A 52 6.36 -3.84 -4.76
C TYR A 52 5.60 -3.98 -3.44
N PHE A 53 4.65 -4.89 -3.43
CA PHE A 53 3.97 -5.29 -2.22
C PHE A 53 3.60 -6.74 -2.31
N GLN A 54 3.77 -7.45 -1.19
CA GLN A 54 3.44 -8.88 -1.13
C GLN A 54 2.17 -9.14 -0.39
N PHE A 55 1.27 -9.90 -1.02
CA PHE A 55 -0.03 -10.21 -0.47
C PHE A 55 -0.19 -11.64 0.06
N GLU A 56 0.55 -12.59 -0.51
CA GLU A 56 0.53 -13.98 -0.02
C GLU A 56 1.96 -14.50 -0.04
N GLY A 57 2.32 -15.29 0.96
CA GLY A 57 3.60 -15.96 0.96
C GLY A 57 4.71 -15.13 1.53
N GLU A 58 5.87 -15.75 1.63
CA GLU A 58 7.05 -15.13 2.23
CA GLU A 58 7.05 -15.14 2.24
C GLU A 58 8.21 -15.18 1.25
N GLY A 59 8.94 -14.10 1.15
CA GLY A 59 10.02 -14.04 0.17
C GLY A 59 10.60 -12.65 0.15
N SER A 60 11.63 -12.48 -0.67
CA SER A 60 12.29 -11.21 -0.85
C SER A 60 12.45 -10.91 -2.32
N LEU A 61 12.37 -9.63 -2.65
CA LEU A 61 12.50 -9.22 -4.02
C LEU A 61 13.69 -8.29 -4.10
N LYS A 62 14.54 -8.49 -5.10
CA LYS A 62 15.72 -7.66 -5.30
C LYS A 62 15.76 -7.14 -6.72
N ASP A 64 18.26 -5.72 -9.96
CA ASP A 64 19.50 -6.18 -10.58
C ASP A 64 20.72 -5.37 -10.15
N ASN A 65 20.50 -4.29 -9.42
CA ASN A 65 21.59 -3.54 -8.79
C ASN A 65 21.90 -4.02 -7.37
N GLY A 66 21.30 -5.13 -6.94
CA GLY A 66 21.59 -5.72 -5.63
C GLY A 66 20.73 -5.23 -4.48
N ILE A 67 19.93 -4.19 -4.72
CA ILE A 67 19.09 -3.59 -3.65
C ILE A 67 17.88 -4.49 -3.39
N THR A 68 17.61 -4.73 -2.11
CA THR A 68 16.42 -5.46 -1.70
C THR A 68 15.27 -4.49 -1.50
N PHE A 69 14.13 -4.81 -2.10
CA PHE A 69 12.95 -3.97 -1.96
C PHE A 69 12.41 -4.04 -0.53
N LEU A 70 12.09 -2.89 0.04
CA LEU A 70 11.22 -2.87 1.22
C LEU A 70 9.82 -2.56 0.71
N PRO A 71 8.80 -3.30 1.15
CA PRO A 71 7.45 -3.07 0.60
C PRO A 71 7.00 -1.61 0.65
N ASN A 72 6.44 -1.17 -0.48
CA ASN A 72 5.91 0.18 -0.64
C ASN A 72 6.94 1.30 -0.88
N ASP A 73 8.21 1.06 -0.62
CA ASP A 73 9.24 2.08 -0.89
C ASP A 73 9.46 2.14 -2.39
N ARG A 74 9.72 3.35 -2.90
CA ARG A 74 9.96 3.56 -4.32
C ARG A 74 11.45 3.71 -4.61
N TYR A 75 11.88 3.09 -5.69
CA TYR A 75 13.27 3.09 -6.11
C TYR A 75 13.35 3.57 -7.54
N LEU A 76 14.40 4.32 -7.83
CA LEU A 76 14.65 4.81 -9.16
C LEU A 76 14.90 3.65 -10.12
N LEU A 77 14.25 3.72 -11.26
CA LEU A 77 14.45 2.76 -12.31
C LEU A 77 15.40 3.43 -13.30
N GLU A 78 16.59 2.89 -13.42
CA GLU A 78 17.67 3.54 -14.18
C GLU A 78 17.71 3.11 -15.64
N ASN A 79 17.24 1.90 -15.91
CA ASN A 79 17.30 1.31 -17.23
C ASN A 79 15.91 0.87 -17.70
N GLU A 80 15.64 0.99 -19.00
CA GLU A 80 14.39 0.50 -19.60
C GLU A 80 14.25 -1.01 -19.49
N LYS A 81 15.37 -1.73 -19.67
CA LYS A 81 15.38 -3.17 -19.50
C LYS A 81 16.01 -3.48 -18.16
N PHE A 82 15.31 -4.25 -17.35
CA PHE A 82 15.78 -4.57 -16.03
C PHE A 82 15.26 -5.90 -15.59
N ARG A 83 15.95 -6.46 -14.60
CA ARG A 83 15.61 -7.75 -14.06
C ARG A 83 15.34 -7.62 -12.54
N LEU A 84 14.38 -8.40 -12.08
CA LEU A 84 14.06 -8.56 -10.67
C LEU A 84 14.31 -10.00 -10.29
N TYR A 85 14.58 -10.20 -9.01
CA TYR A 85 14.90 -11.52 -8.46
C TYR A 85 14.05 -11.78 -7.21
N TYR A 86 13.15 -12.76 -7.29
CA TYR A 86 12.30 -13.11 -6.17
C TYR A 86 12.82 -14.42 -5.59
N THR A 87 13.21 -14.35 -4.31
CA THR A 87 13.66 -15.53 -3.58
C THR A 87 12.58 -15.94 -2.61
N ALA A 88 12.02 -17.12 -2.83
CA ALA A 88 11.02 -17.64 -1.91
C ALA A 88 11.62 -18.03 -0.56
N ALA A 89 10.88 -17.69 0.50
CA ALA A 89 11.26 -18.08 1.86
C ALA A 89 10.40 -19.21 2.40
N GLY A 90 9.39 -19.64 1.65
CA GLY A 90 8.75 -20.98 1.85
C GLY A 90 8.09 -21.63 0.64
N ASP A 91 7.34 -22.70 0.91
CA ASP A 91 6.68 -23.53 -0.12
C ASP A 91 5.20 -23.18 -0.34
N GLU A 92 4.63 -22.36 0.56
CA GLU A 92 3.25 -21.85 0.45
C GLU A 92 3.10 -20.94 -0.78
N ALA A 93 1.86 -20.62 -1.14
CA ALA A 93 1.61 -19.82 -2.34
C ALA A 93 2.12 -18.40 -2.18
N HIS A 94 2.61 -17.86 -3.30
CA HIS A 94 3.18 -16.53 -3.34
C HIS A 94 2.37 -15.66 -4.28
N ASN A 95 2.13 -14.42 -3.83
CA ASN A 95 1.48 -13.42 -4.65
C ASN A 95 2.00 -12.05 -4.28
N PHE A 96 2.45 -11.32 -5.29
CA PHE A 96 2.95 -9.97 -5.08
C PHE A 96 2.73 -9.16 -6.31
N ILE A 97 2.70 -7.84 -6.13
CA ILE A 97 2.57 -6.93 -7.24
CA ILE A 97 2.55 -6.95 -7.23
C ILE A 97 3.80 -6.05 -7.31
N VAL A 98 4.16 -5.65 -8.51
CA VAL A 98 5.24 -4.71 -8.76
C VAL A 98 4.60 -3.57 -9.52
N VAL A 99 4.87 -2.34 -9.10
CA VAL A 99 4.29 -1.18 -9.73
C VAL A 99 5.38 -0.24 -10.19
N VAL A 100 5.31 0.12 -11.46
CA VAL A 100 6.20 1.12 -12.03
C VAL A 100 5.38 2.38 -12.22
N GLU A 101 5.98 3.49 -11.84
CA GLU A 101 5.32 4.77 -11.92
C GLU A 101 6.21 5.81 -12.56
N ASP A 102 5.61 6.72 -13.31
CA ASP A 102 6.37 7.86 -13.84
C ASP A 102 6.13 9.07 -12.96
N ASN A 103 6.65 10.22 -13.39
CA ASN A 103 6.50 11.45 -12.63
C ASN A 103 5.29 12.28 -13.11
N PHE A 104 4.31 11.60 -13.74
CA PHE A 104 3.12 12.24 -14.27
C PHE A 104 1.85 11.50 -13.85
N SER A 105 1.93 10.79 -12.72
CA SER A 105 0.80 10.07 -12.11
C SER A 105 0.38 8.81 -12.86
N ASN A 106 1.21 8.34 -13.78
CA ASN A 106 0.86 7.12 -14.50
C ASN A 106 1.53 5.95 -13.80
N SER A 107 0.85 4.83 -13.80
CA SER A 107 1.37 3.60 -13.19
C SER A 107 1.05 2.39 -14.05
N TYR A 108 1.82 1.33 -13.84
CA TYR A 108 1.55 0.07 -14.50
C TYR A 108 1.88 -0.99 -13.50
N GLU A 109 0.92 -1.90 -13.30
CA GLU A 109 1.03 -2.93 -12.28
C GLU A 109 1.23 -4.30 -12.89
N LEU A 110 2.20 -5.02 -12.34
CA LEU A 110 2.43 -6.42 -12.67
C LEU A 110 2.10 -7.29 -11.48
N GLU A 111 1.42 -8.41 -11.70
CA GLU A 111 1.07 -9.28 -10.60
C GLU A 111 1.72 -10.63 -10.82
N PHE A 112 2.36 -11.16 -9.79
CA PHE A 112 3.01 -12.45 -9.87
C PHE A 112 2.38 -13.42 -8.92
N ASP A 113 2.16 -14.65 -9.40
CA ASP A 113 1.62 -15.75 -8.59
C ASP A 113 2.46 -16.97 -8.77
N PHE A 114 2.89 -17.58 -7.67
CA PHE A 114 3.62 -18.83 -7.72
C PHE A 114 3.00 -19.82 -6.74
N ASN A 115 2.83 -21.05 -7.19
CA ASN A 115 2.14 -22.14 -6.46
C ASN A 115 0.61 -21.86 -6.35
N ASN A 116 0.06 -21.12 -7.32
CA ASN A 116 -1.36 -20.70 -7.41
C ASN A 116 -1.49 -19.36 -8.14
N ILE B 8 -15.73 9.04 2.35
CA ILE B 8 -15.36 7.91 1.45
C ILE B 8 -15.81 8.32 0.07
N GLN B 9 -17.12 8.52 -0.05
CA GLN B 9 -17.75 9.05 -1.24
C GLN B 9 -17.14 10.40 -1.66
N GLN B 10 -16.87 11.33 -0.72
CA GLN B 10 -16.50 12.70 -1.13
CA GLN B 10 -16.50 12.71 -1.12
C GLN B 10 -15.23 12.72 -2.01
N SER B 11 -15.28 13.53 -3.08
CA SER B 11 -14.13 13.70 -3.98
C SER B 11 -13.50 15.09 -3.79
N TYR B 12 -14.23 16.01 -3.15
CA TYR B 12 -13.73 17.34 -2.82
C TYR B 12 -14.07 17.65 -1.40
N PRO B 13 -13.30 18.54 -0.76
CA PRO B 13 -12.15 19.24 -1.28
C PRO B 13 -10.86 18.48 -0.98
N PHE B 14 -10.96 17.30 -0.37
CA PHE B 14 -9.78 16.45 -0.19
C PHE B 14 -10.12 14.97 -0.24
N THR B 15 -9.10 14.16 -0.51
CA THR B 15 -9.19 12.72 -0.43
C THR B 15 -7.97 12.23 0.33
N VAL B 16 -7.99 10.94 0.68
CA VAL B 16 -6.83 10.32 1.32
C VAL B 16 -6.45 9.07 0.51
N GLU B 17 -5.22 9.06 -0.01
CA GLU B 17 -4.69 7.94 -0.79
C GLU B 17 -4.00 6.99 0.15
N VAL B 18 -4.16 5.68 -0.09
CA VAL B 18 -3.56 4.69 0.80
C VAL B 18 -2.80 3.72 -0.07
N PRO B 20 -0.75 0.04 -0.83
CA PRO B 20 -1.21 -1.32 -0.56
C PRO B 20 -1.06 -1.79 0.89
N VAL B 21 -2.06 -2.57 1.32
CA VAL B 21 -2.09 -3.23 2.63
C VAL B 21 -2.36 -4.71 2.45
N PRO B 22 -1.99 -5.53 3.43
CA PRO B 22 -2.28 -6.96 3.37
C PRO B 22 -3.77 -7.22 3.39
N ASN B 23 -4.17 -8.40 2.95
CA ASN B 23 -5.55 -8.82 3.04
C ASN B 23 -5.79 -9.70 4.28
N LYS B 24 -4.73 -10.01 5.03
CA LYS B 24 -4.81 -10.84 6.24
C LYS B 24 -3.81 -10.39 7.31
N VAL B 25 -4.13 -10.74 8.54
CA VAL B 25 -3.30 -10.41 9.68
C VAL B 25 -3.41 -11.60 10.67
N VAL B 26 -2.40 -11.81 11.51
CA VAL B 26 -2.51 -12.80 12.57
C VAL B 26 -2.36 -12.08 13.89
N LYS B 27 -2.71 -12.76 14.97
CA LYS B 27 -2.61 -12.19 16.32
C LYS B 27 -1.19 -11.72 16.54
N GLY B 28 -1.06 -10.49 16.99
CA GLY B 28 0.22 -9.89 17.31
C GLY B 28 0.97 -9.29 16.14
N GLN B 29 0.50 -9.50 14.92
CA GLN B 29 1.05 -8.84 13.77
C GLN B 29 0.66 -7.37 13.68
N THR B 30 1.59 -6.54 13.23
CA THR B 30 1.34 -5.11 12.98
C THR B 30 1.41 -4.85 11.47
N VAL B 31 0.38 -4.23 10.93
CA VAL B 31 0.27 -3.79 9.53
C VAL B 31 0.55 -2.27 9.41
N GLU B 32 1.40 -1.88 8.47
CA GLU B 32 1.69 -0.47 8.20
C GLU B 32 0.76 0.05 7.13
N ILE B 33 0.08 1.15 7.39
CA ILE B 33 -0.82 1.74 6.45
C ILE B 33 -0.29 3.10 6.08
N ARG B 34 0.15 3.27 4.84
CA ARG B 34 0.74 4.53 4.42
C ARG B 34 -0.30 5.38 3.71
N CYS B 35 -0.51 6.59 4.25
CA CYS B 35 -1.59 7.48 3.80
C CYS B 35 -1.04 8.81 3.35
N GLU B 36 -1.77 9.43 2.42
CA GLU B 36 -1.45 10.77 1.97
C GLU B 36 -2.73 11.57 1.73
N LEU B 37 -2.82 12.71 2.40
CA LEU B 37 -3.92 13.65 2.19
CA LEU B 37 -3.90 13.69 2.15
C LEU B 37 -3.68 14.36 0.85
N LYS B 38 -4.69 14.35 -0.03
CA LYS B 38 -4.60 14.99 -1.32
C LYS B 38 -5.64 16.10 -1.33
N LYS B 39 -5.20 17.34 -1.49
CA LYS B 39 -6.13 18.45 -1.55
C LYS B 39 -6.48 18.68 -3.00
N GLU B 40 -7.77 18.54 -3.29
CA GLU B 40 -8.30 18.42 -4.65
C GLU B 40 -8.68 19.78 -5.17
N GLY B 41 -8.98 20.65 -4.21
CA GLY B 41 -9.46 21.97 -4.52
C GLY B 41 -8.41 23.05 -4.41
N ASP B 42 -8.76 24.17 -5.03
CA ASP B 42 -8.09 25.44 -4.79
C ASP B 42 -8.38 25.95 -3.37
N PHE B 43 -9.50 25.50 -2.78
CA PHE B 43 -10.02 26.12 -1.56
C PHE B 43 -10.20 25.12 -0.40
N SER B 44 -10.63 25.65 0.76
CA SER B 44 -10.89 24.88 1.99
C SER B 44 -9.67 24.12 2.55
N GLY B 45 -9.72 23.82 3.85
CA GLY B 45 -8.78 22.89 4.49
C GLY B 45 -7.54 23.43 5.17
N THR B 46 -7.72 24.15 6.29
CA THR B 46 -6.60 24.56 7.12
C THR B 46 -6.20 23.43 8.09
N LEU B 47 -7.15 22.98 8.90
CA LEU B 47 -6.87 22.03 9.98
CA LEU B 47 -6.86 22.03 9.96
C LEU B 47 -7.56 20.70 9.69
N TYR B 48 -6.85 19.59 9.93
CA TYR B 48 -7.39 18.26 9.71
C TYR B 48 -7.24 17.41 10.96
N THR B 49 -8.24 16.56 11.18
CA THR B 49 -8.22 15.56 12.26
C THR B 49 -8.46 14.19 11.74
N ILE B 50 -8.11 13.21 12.56
CA ILE B 50 -8.28 11.81 12.23
C ILE B 50 -8.85 11.06 13.43
N ARG B 51 -9.67 10.06 13.13
CA ARG B 51 -10.26 9.19 14.15
C ARG B 51 -10.52 7.84 13.56
N TYR B 52 -10.81 6.86 14.43
CA TYR B 52 -11.15 5.53 13.93
C TYR B 52 -12.27 4.92 14.77
N PHE B 53 -12.85 3.88 14.22
CA PHE B 53 -13.76 3.02 14.98
C PHE B 53 -13.65 1.60 14.46
N GLN B 54 -13.71 0.65 15.36
CA GLN B 54 -13.62 -0.74 15.00
C GLN B 54 -14.96 -1.43 15.15
N PHE B 55 -15.36 -2.14 14.11
CA PHE B 55 -16.63 -2.84 14.04
C PHE B 55 -16.54 -4.34 14.16
N GLU B 56 -15.42 -4.94 13.71
CA GLU B 56 -15.21 -6.39 13.83
C GLU B 56 -13.77 -6.62 14.25
N GLY B 57 -13.57 -7.64 15.08
CA GLY B 57 -12.22 -8.02 15.45
C GLY B 57 -11.68 -7.20 16.59
N GLU B 58 -10.46 -7.55 17.01
CA GLU B 58 -9.81 -6.91 18.14
C GLU B 58 -8.42 -6.47 17.71
N GLY B 59 -8.04 -5.28 18.13
CA GLY B 59 -6.72 -4.77 17.71
C GLY B 59 -6.55 -3.35 18.17
N SER B 60 -5.38 -2.81 17.87
CA SER B 60 -5.05 -1.43 18.24
CA SER B 60 -5.03 -1.44 18.24
CA SER B 60 -4.99 -1.46 18.26
C SER B 60 -4.49 -0.70 17.03
N LEU B 61 -4.81 0.58 16.97
CA LEU B 61 -4.39 1.41 15.86
C LEU B 61 -3.54 2.51 16.45
N LYS B 62 -2.38 2.73 15.86
CA LYS B 62 -1.41 3.77 16.28
C LYS B 62 -1.02 4.64 15.11
N ASP B 64 2.03 7.36 13.41
CA ASP B 64 3.46 7.50 13.38
C ASP B 64 4.04 8.56 14.34
N ASN B 65 3.20 9.39 14.91
CA ASN B 65 3.62 10.35 15.98
C ASN B 65 3.55 9.77 17.36
N GLY B 66 3.29 8.46 17.45
CA GLY B 66 3.27 7.74 18.72
C GLY B 66 1.93 7.55 19.40
N ILE B 67 0.89 8.16 18.86
CA ILE B 67 -0.43 8.09 19.49
C ILE B 67 -1.07 6.72 19.26
N THR B 68 -1.64 6.13 20.31
CA THR B 68 -2.57 5.00 20.18
C THR B 68 -3.98 5.58 20.18
N PHE B 69 -4.73 5.27 19.13
CA PHE B 69 -6.07 5.78 18.98
C PHE B 69 -7.03 5.13 19.99
N LEU B 70 -7.88 5.95 20.59
CA LEU B 70 -9.03 5.47 21.35
C LEU B 70 -10.22 5.70 20.42
N PRO B 71 -11.08 4.70 20.24
CA PRO B 71 -12.24 4.87 19.32
C PRO B 71 -13.01 6.16 19.52
N ASN B 72 -13.29 6.82 18.41
CA ASN B 72 -14.04 8.07 18.34
C ASN B 72 -13.34 9.33 18.81
N ASP B 73 -12.20 9.23 19.51
CA ASP B 73 -11.42 10.44 19.83
C ASP B 73 -10.78 10.95 18.54
N ARG B 74 -10.67 12.28 18.42
CA ARG B 74 -10.05 12.88 17.24
C ARG B 74 -8.63 13.33 17.61
N TYR B 75 -7.75 13.22 16.61
CA TYR B 75 -6.36 13.62 16.75
C TYR B 75 -6.00 14.56 15.60
N LEU B 76 -5.14 15.52 15.90
CA LEU B 76 -4.66 16.44 14.89
C LEU B 76 -3.74 15.74 13.88
N LEU B 77 -3.93 16.05 12.61
CA LEU B 77 -3.03 15.59 11.54
CA LEU B 77 -3.11 15.58 11.56
C LEU B 77 -2.23 16.76 11.09
N GLU B 78 -0.94 16.76 11.42
CA GLU B 78 -0.10 17.90 11.07
C GLU B 78 0.62 17.75 9.74
N ASN B 79 0.73 16.52 9.24
CA ASN B 79 1.50 16.21 8.01
C ASN B 79 0.60 15.62 6.94
N GLU B 80 0.82 16.00 5.69
CA GLU B 80 0.04 15.45 4.59
C GLU B 80 0.28 13.95 4.41
N LYS B 81 1.52 13.50 4.63
CA LYS B 81 1.88 12.10 4.54
C LYS B 81 2.06 11.58 5.96
N PHE B 82 1.38 10.48 6.26
CA PHE B 82 1.43 9.89 7.57
C PHE B 82 1.16 8.41 7.50
N ARG B 83 1.59 7.72 8.55
CA ARG B 83 1.44 6.27 8.61
C ARG B 83 0.69 5.84 9.86
N LEU B 84 -0.16 4.84 9.68
CA LEU B 84 -0.88 4.20 10.74
C LEU B 84 -0.37 2.79 10.87
N TYR B 85 -0.54 2.22 12.07
CA TYR B 85 -0.08 0.88 12.38
C TYR B 85 -1.19 0.14 13.09
N TYR B 86 -1.69 -0.94 12.50
CA TYR B 86 -2.76 -1.73 13.08
C TYR B 86 -2.18 -3.03 13.59
N THR B 87 -2.30 -3.25 14.88
CA THR B 87 -1.79 -4.47 15.50
C THR B 87 -2.99 -5.33 15.89
N ALA B 88 -3.08 -6.51 15.30
CA ALA B 88 -4.16 -7.46 15.65
C ALA B 88 -3.99 -8.11 17.00
N ALA B 89 -5.10 -8.17 17.75
N ALA B 89 -5.14 -8.41 17.62
CA ALA B 89 -5.11 -8.77 19.08
CA ALA B 89 -5.21 -9.34 18.75
C ALA B 89 -5.85 -10.09 19.13
C ALA B 89 -5.83 -10.69 18.36
N GLY B 90 -6.55 -10.46 18.08
N GLY B 90 -5.96 -10.96 17.05
CA GLY B 90 -7.32 -11.69 18.18
CA GLY B 90 -6.57 -12.20 16.61
C GLY B 90 -7.19 -12.55 16.95
C GLY B 90 -6.57 -12.53 15.12
N ASP B 91 -8.07 -13.53 16.85
N ASP B 91 -6.84 -13.80 14.84
CA ASP B 91 -8.06 -14.50 15.77
CA ASP B 91 -6.91 -14.27 13.46
C ASP B 91 -9.14 -14.25 14.72
C ASP B 91 -8.36 -14.09 12.98
N GLU B 92 -10.04 -13.31 14.99
N GLU B 92 -9.21 -13.65 13.91
CA GLU B 92 -11.16 -13.11 14.06
CA GLU B 92 -10.65 -13.38 13.71
C GLU B 92 -10.81 -12.16 12.86
C GLU B 92 -10.87 -12.07 12.97
N ALA B 93 -11.77 -12.03 11.98
CA ALA B 93 -11.77 -11.00 10.93
C ALA B 93 -11.77 -9.60 11.56
N HIS B 94 -11.09 -8.67 10.89
CA HIS B 94 -10.95 -7.30 11.36
C HIS B 94 -11.64 -6.33 10.40
N ASN B 95 -12.40 -5.40 10.94
CA ASN B 95 -13.01 -4.33 10.17
C ASN B 95 -13.00 -3.08 10.98
N PHE B 96 -12.45 -2.01 10.40
CA PHE B 96 -12.43 -0.70 11.05
C PHE B 96 -12.44 0.39 10.01
N ILE B 97 -12.93 1.56 10.43
CA ILE B 97 -12.92 2.72 9.58
CA ILE B 97 -12.93 2.69 9.58
C ILE B 97 -11.99 3.75 10.16
N VAL B 98 -11.39 4.55 9.29
CA VAL B 98 -10.57 5.70 9.66
C VAL B 98 -11.22 6.86 8.95
N VAL B 99 -11.46 7.94 9.67
CA VAL B 99 -12.10 9.11 9.13
C VAL B 99 -11.26 10.35 9.32
N VAL B 100 -10.94 11.02 8.19
CA VAL B 100 -10.24 12.28 8.22
C VAL B 100 -11.24 13.38 7.97
N GLU B 101 -11.17 14.44 8.79
CA GLU B 101 -12.09 15.55 8.70
C GLU B 101 -11.35 16.89 8.66
N ASP B 102 -11.87 17.85 7.93
CA ASP B 102 -11.36 19.19 8.00
C ASP B 102 -12.24 20.00 8.90
N ASN B 103 -12.01 21.30 8.97
CA ASN B 103 -12.79 22.18 9.83
CA ASN B 103 -12.83 22.15 9.84
C ASN B 103 -13.95 22.84 9.07
N PHE B 104 -14.37 22.22 7.97
CA PHE B 104 -15.42 22.75 7.11
C PHE B 104 -16.47 21.68 6.81
N SER B 105 -16.62 20.73 7.72
CA SER B 105 -17.63 19.65 7.63
C SER B 105 -17.38 18.64 6.53
N ASN B 106 -16.16 18.61 5.99
CA ASN B 106 -15.84 17.61 4.98
C ASN B 106 -15.16 16.44 5.67
N SER B 107 -15.45 15.24 5.17
CA SER B 107 -14.86 14.04 5.72
CA SER B 107 -14.94 13.98 5.73
C SER B 107 -14.52 13.06 4.60
N TYR B 108 -13.56 12.20 4.88
CA TYR B 108 -13.18 11.17 3.97
C TYR B 108 -12.99 9.94 4.81
N GLU B 109 -13.69 8.88 4.45
CA GLU B 109 -13.67 7.63 5.21
C GLU B 109 -12.95 6.52 4.46
N LEU B 110 -12.04 5.85 5.18
CA LEU B 110 -11.32 4.70 4.71
C LEU B 110 -11.84 3.51 5.47
N GLU B 111 -12.06 2.40 4.79
CA GLU B 111 -12.54 1.20 5.49
C GLU B 111 -11.52 0.10 5.27
N PHE B 112 -11.10 -0.55 6.35
CA PHE B 112 -10.13 -1.61 6.28
C PHE B 112 -10.75 -2.93 6.70
N ASP B 113 -10.49 -3.96 5.91
CA ASP B 113 -10.92 -5.33 6.22
C ASP B 113 -9.72 -6.24 6.14
N PHE B 114 -9.47 -7.03 7.19
CA PHE B 114 -8.40 -8.06 7.15
C PHE B 114 -9.02 -9.39 7.55
N ASN B 115 -8.66 -10.44 6.83
CA ASN B 115 -9.21 -11.79 6.97
C ASN B 115 -10.67 -11.88 6.46
N ASN B 116 -10.98 -11.08 5.42
CA ASN B 116 -12.34 -10.84 4.88
C ASN B 116 -12.48 -9.39 4.41
#